data_2PXZ
#
_entry.id   2PXZ
#
_cell.length_a   124.556
_cell.length_b   94.302
_cell.length_c   46.354
_cell.angle_alpha   90.00
_cell.angle_beta   95.54
_cell.angle_gamma   90.00
#
_symmetry.space_group_name_H-M   'C 1 2 1'
#
loop_
_entity.id
_entity.type
_entity.pdbx_description
1 polymer 'Phosphoenolpyruvate carboxykinase'
2 non-polymer 'MAGNESIUM ION'
3 non-polymer 'MANGANESE (II) ION'
4 non-polymer 'OXALOACETATE ION'
5 non-polymer "ADENOSINE-5'-TRIPHOSPHATE"
6 non-polymer 'CARBON DIOXIDE'
7 water water
#
_entity_poly.entity_id   1
_entity_poly.type   'polypeptide(L)'
_entity_poly.pdbx_seq_one_letter_code
;MRVNNGLTPQELEAYGISDVHDIVYNPSYDLLYQEELDPSLTGYERGVLTNLGAVAVDTGIFTGRSPKDKYIVRDDTTRD
TFWWADKGKGKNDNKPLSPETWQHLKGLVTRQLSGKRLFVVDAFCGANPDTRLSVRFITEVAWQAHFVKNMFIRPSDEEL
AGFKPDFIVMNGAKCTNPQWKEQGLNSENFVAFNLTERMQLIGGTWYGGEMKKGMFSMMNYLLPLKGIASMHCSANVGEK
GDVAVFFGLSGTGKTTLSTDPKRRLIGDDEHGWDDDGVFNFEGGCYAKTIKLSKEAEPEIYNAIRRDALLENVTVREDGT
IDFDDGSKTENTRVSYPIYHIDNIVKPVSKAGHATKVIFLTADAFGVLPPVSRLTADQTQYHFLSGFTAKLAGTERGITE
PTPTFSACFGAAFLSLHPTQYAEVLVKRMQAAGAQAYLVNTGWNGTGKRISIKDTRAIIDAILNGSLDNAETFTLPMFNL
AIPTELPGVDTKILDPRNTYASPEQWQEKAETLAKLFIDNFDKYTDTPAGAALVAAGPKL
;
_entity_poly.pdbx_strand_id   X
#
loop_
_chem_comp.id
_chem_comp.type
_chem_comp.name
_chem_comp.formula
ATP non-polymer ADENOSINE-5'-TRIPHOSPHATE 'C10 H16 N5 O13 P3'
CO2 non-polymer 'CARBON DIOXIDE' 'C O2'
MG non-polymer 'MAGNESIUM ION' 'Mg 2'
MN non-polymer 'MANGANESE (II) ION' 'Mn 2'
OAA non-polymer 'OXALOACETATE ION' 'C4 H3 O5 -1'
#
# COMPACT_ATOMS: atom_id res chain seq x y z
N PRO A 9 26.40 -11.80 -16.83
CA PRO A 9 26.34 -11.68 -18.34
C PRO A 9 25.75 -12.93 -19.02
N GLN A 10 26.35 -14.10 -18.78
CA GLN A 10 25.76 -15.39 -19.15
C GLN A 10 24.65 -15.77 -18.18
N GLU A 11 24.78 -15.29 -16.94
CA GLU A 11 23.71 -15.37 -15.95
C GLU A 11 22.44 -14.61 -16.42
N LEU A 12 22.63 -13.44 -17.02
CA LEU A 12 21.55 -12.68 -17.64
C LEU A 12 20.99 -13.46 -18.81
N GLU A 13 21.86 -14.04 -19.63
CA GLU A 13 21.48 -14.93 -20.74
C GLU A 13 20.60 -16.11 -20.29
N ALA A 14 20.76 -16.54 -19.05
CA ALA A 14 19.98 -17.65 -18.50
C ALA A 14 18.55 -17.23 -18.26
N TYR A 15 18.34 -15.93 -18.00
CA TYR A 15 17.02 -15.36 -17.84
C TYR A 15 16.34 -15.14 -19.19
N GLY A 16 17.06 -15.35 -20.29
CA GLY A 16 16.58 -15.01 -21.62
C GLY A 16 17.06 -13.67 -22.17
N ILE A 17 17.87 -12.94 -21.40
CA ILE A 17 18.35 -11.60 -21.83
C ILE A 17 19.74 -11.69 -22.45
N SER A 18 19.87 -11.30 -23.71
CA SER A 18 21.16 -11.44 -24.34
C SER A 18 21.90 -10.16 -24.75
N ASP A 19 23.20 -10.34 -24.94
CA ASP A 19 24.02 -9.33 -25.55
C ASP A 19 24.07 -8.09 -24.64
N VAL A 20 24.04 -8.33 -23.32
CA VAL A 20 24.13 -7.20 -22.39
C VAL A 20 25.60 -6.85 -22.25
N HIS A 21 25.93 -5.64 -22.65
CA HIS A 21 27.31 -5.23 -22.61
C HIS A 21 27.71 -4.53 -21.34
N ASP A 22 26.80 -3.70 -20.82
CA ASP A 22 27.02 -2.84 -19.67
C ASP A 22 26.06 -3.26 -18.58
N ILE A 23 26.61 -3.68 -17.46
CA ILE A 23 25.87 -4.24 -16.35
C ILE A 23 26.23 -3.40 -15.16
N VAL A 24 25.20 -2.79 -14.58
CA VAL A 24 25.38 -2.03 -13.35
C VAL A 24 24.72 -2.81 -12.26
N TYR A 25 25.52 -3.60 -11.56
CA TYR A 25 25.08 -4.37 -10.42
C TYR A 25 25.10 -3.62 -9.07
N ASN A 26 24.01 -3.66 -8.30
CA ASN A 26 24.00 -2.94 -7.07
C ASN A 26 24.43 -1.44 -7.17
N PRO A 27 23.75 -0.63 -8.03
CA PRO A 27 24.19 0.78 -8.19
C PRO A 27 24.12 1.51 -6.89
N SER A 28 25.16 2.29 -6.60
CA SER A 28 25.14 3.13 -5.41
C SER A 28 24.16 4.28 -5.56
N TYR A 29 23.88 4.97 -4.47
CA TYR A 29 23.03 6.16 -4.47
C TYR A 29 23.66 7.29 -5.28
N ASP A 30 24.98 7.46 -5.18
CA ASP A 30 25.69 8.48 -5.92
C ASP A 30 25.67 8.19 -7.39
N LEU A 31 25.81 6.93 -7.80
CA LEU A 31 25.70 6.63 -9.22
C LEU A 31 24.28 6.88 -9.74
N LEU A 32 23.27 6.48 -9.00
CA LEU A 32 21.90 6.67 -9.46
C LEU A 32 21.57 8.19 -9.62
N TYR A 33 22.06 9.03 -8.71
CA TYR A 33 22.00 10.51 -8.73
C TYR A 33 22.61 11.07 -10.03
N GLN A 34 23.83 10.67 -10.37
CA GLN A 34 24.42 11.13 -11.60
C GLN A 34 23.79 10.54 -12.87
N GLU A 35 23.33 9.27 -12.82
CA GLU A 35 22.51 8.73 -13.91
C GLU A 35 21.25 9.56 -14.21
N GLU A 36 20.51 9.92 -13.17
CA GLU A 36 19.23 10.67 -13.32
C GLU A 36 19.38 12.11 -13.82
N LEU A 37 20.47 12.75 -13.43
CA LEU A 37 20.72 14.11 -13.84
C LEU A 37 21.57 14.22 -15.11
N ASP A 38 21.99 13.09 -15.70
CA ASP A 38 22.69 13.11 -17.00
C ASP A 38 22.00 14.06 -18.02
N PRO A 39 22.69 15.15 -18.47
CA PRO A 39 21.88 16.11 -19.27
C PRO A 39 21.55 15.61 -20.67
N SER A 40 22.11 14.45 -21.04
CA SER A 40 21.83 13.85 -22.34
C SER A 40 20.59 12.94 -22.40
N LEU A 41 20.03 12.55 -21.24
CA LEU A 41 18.81 11.74 -21.16
C LEU A 41 17.61 12.38 -21.86
N THR A 42 16.76 11.55 -22.46
CA THR A 42 15.54 12.04 -23.11
C THR A 42 14.29 11.43 -22.46
N GLY A 43 13.15 12.04 -22.69
CA GLY A 43 11.86 11.50 -22.25
C GLY A 43 11.71 11.23 -20.77
N TYR A 44 10.98 10.17 -20.44
CA TYR A 44 10.60 9.85 -19.02
C TYR A 44 11.73 9.34 -18.12
N GLU A 45 12.91 9.11 -18.69
CA GLU A 45 14.12 8.79 -17.92
C GLU A 45 14.71 9.94 -17.13
N ARG A 46 14.50 11.14 -17.64
CA ARG A 46 15.18 12.33 -17.16
C ARG A 46 14.79 12.67 -15.78
N GLY A 47 15.77 13.03 -14.94
CA GLY A 47 15.47 13.63 -13.70
C GLY A 47 15.81 15.12 -13.70
N VAL A 48 15.24 15.83 -12.73
CA VAL A 48 15.64 17.20 -12.46
C VAL A 48 15.95 17.34 -10.99
N LEU A 49 16.96 18.12 -10.69
CA LEU A 49 17.29 18.40 -9.30
C LEU A 49 16.38 19.51 -8.76
N THR A 50 15.77 19.29 -7.58
CA THR A 50 14.96 20.30 -6.91
C THR A 50 15.80 21.00 -5.84
N ASN A 51 15.35 22.18 -5.38
CA ASN A 51 16.03 22.91 -4.27
C ASN A 51 16.14 22.17 -2.92
N LEU A 52 15.28 21.18 -2.73
CA LEU A 52 15.33 20.34 -1.52
C LEU A 52 16.46 19.26 -1.59
N GLY A 53 17.15 19.18 -2.73
CA GLY A 53 18.28 18.27 -2.91
C GLY A 53 17.92 16.92 -3.52
N ALA A 54 16.62 16.64 -3.63
CA ALA A 54 16.10 15.39 -4.21
C ALA A 54 15.83 15.54 -5.69
N VAL A 55 16.06 14.46 -6.44
CA VAL A 55 15.72 14.35 -7.85
C VAL A 55 14.25 14.06 -8.01
N ALA A 56 13.64 14.70 -9.02
CA ALA A 56 12.25 14.55 -9.39
C ALA A 56 12.18 13.97 -10.79
N VAL A 57 11.33 12.98 -10.97
CA VAL A 57 11.12 12.41 -12.27
C VAL A 57 9.61 12.42 -12.57
N ASP A 58 9.32 12.22 -13.84
CA ASP A 58 7.99 12.02 -14.41
C ASP A 58 7.84 10.52 -14.73
N THR A 59 6.80 9.85 -14.22
CA THR A 59 6.66 8.37 -14.40
C THR A 59 5.96 8.03 -15.72
N GLY A 60 5.56 9.09 -16.45
CA GLY A 60 5.05 8.85 -17.79
C GLY A 60 3.56 8.92 -17.85
N ILE A 61 3.01 8.21 -18.84
CA ILE A 61 1.55 8.10 -19.01
C ILE A 61 0.88 7.46 -17.77
N PHE A 62 1.59 6.54 -17.10
CA PHE A 62 1.07 5.92 -15.90
C PHE A 62 1.59 6.66 -14.67
N THR A 63 0.66 7.07 -13.83
CA THR A 63 0.88 7.92 -12.65
C THR A 63 0.29 7.19 -11.45
N GLY A 64 -0.22 6.00 -11.70
CA GLY A 64 -0.68 5.10 -10.64
C GLY A 64 -0.71 3.71 -11.20
N ARG A 65 -1.16 2.75 -10.40
CA ARG A 65 -1.15 1.36 -10.87
C ARG A 65 -2.20 1.13 -11.95
N SER A 66 -2.12 -0.01 -12.63
CA SER A 66 -3.07 -0.35 -13.68
C SER A 66 -3.63 -1.72 -13.36
N PRO A 67 -4.60 -1.79 -12.43
CA PRO A 67 -5.17 -3.04 -11.98
C PRO A 67 -5.76 -3.87 -13.14
N LYS A 68 -6.18 -3.17 -14.19
CA LYS A 68 -6.81 -3.81 -15.38
C LYS A 68 -5.85 -4.53 -16.29
N ASP A 69 -4.57 -4.27 -16.10
CA ASP A 69 -3.54 -4.97 -16.86
C ASP A 69 -2.81 -6.00 -15.98
N LYS A 70 -3.39 -6.36 -14.84
CA LYS A 70 -2.73 -7.24 -13.93
C LYS A 70 -3.17 -8.68 -14.21
N TYR A 71 -2.22 -9.58 -14.54
CA TYR A 71 -2.56 -11.00 -14.83
C TYR A 71 -1.67 -11.94 -14.03
N ILE A 72 -2.14 -12.98 -13.71
CA ILE A 72 -1.46 -13.99 -12.90
C ILE A 72 -1.42 -15.33 -13.62
N VAL A 73 -0.53 -16.11 -14.09
CA VAL A 73 -0.57 -17.34 -14.88
C VAL A 73 -1.34 -18.39 -14.09
N ARG A 74 -2.40 -18.95 -14.69
CA ARG A 74 -3.16 -20.03 -14.05
C ARG A 74 -2.54 -21.34 -14.51
N ASP A 75 -1.90 -22.05 -13.59
CA ASP A 75 -1.23 -23.31 -13.91
C ASP A 75 -1.55 -24.26 -12.76
N ASP A 76 -0.94 -25.45 -12.69
CA ASP A 76 -1.24 -26.34 -11.54
C ASP A 76 -0.75 -25.85 -10.19
N THR A 77 0.21 -24.96 -10.22
CA THR A 77 0.68 -24.41 -8.92
C THR A 77 -0.31 -23.42 -8.31
N THR A 78 -0.95 -22.59 -9.16
CA THR A 78 -1.89 -21.56 -8.70
C THR A 78 -3.40 -21.89 -8.84
N ARG A 79 -3.78 -22.82 -9.72
CA ARG A 79 -5.21 -23.06 -10.05
C ARG A 79 -6.13 -23.09 -8.82
N ASP A 80 -5.79 -23.95 -7.86
CA ASP A 80 -6.69 -24.19 -6.73
C ASP A 80 -6.38 -23.36 -5.48
N THR A 81 -5.47 -22.41 -5.59
CA THR A 81 -5.05 -21.63 -4.40
C THR A 81 -5.36 -20.14 -4.52
N PHE A 82 -5.16 -19.61 -5.71
CA PHE A 82 -5.35 -18.24 -6.00
C PHE A 82 -6.82 -17.82 -5.96
N TRP A 83 -7.02 -16.57 -5.55
CA TRP A 83 -8.31 -15.88 -5.65
C TRP A 83 -8.48 -15.30 -7.06
N TRP A 84 -9.16 -16.03 -7.93
CA TRP A 84 -9.21 -15.75 -9.35
C TRP A 84 -10.38 -14.83 -9.72
N ALA A 85 -10.17 -13.95 -10.70
CA ALA A 85 -11.15 -12.92 -11.02
C ALA A 85 -12.38 -13.54 -11.68
N ASP A 86 -12.21 -14.75 -12.19
CA ASP A 86 -13.28 -15.36 -13.00
C ASP A 86 -13.99 -16.53 -12.35
N LYS A 87 -13.66 -16.83 -11.08
CA LYS A 87 -14.25 -17.98 -10.40
C LYS A 87 -15.30 -17.64 -9.31
N GLY A 88 -16.03 -16.54 -9.56
CA GLY A 88 -17.24 -16.15 -8.81
C GLY A 88 -17.10 -16.01 -7.30
N LYS A 89 -15.89 -15.73 -6.84
CA LYS A 89 -15.66 -15.60 -5.40
C LYS A 89 -15.48 -14.15 -5.00
N GLY A 90 -16.20 -13.26 -5.68
CA GLY A 90 -16.29 -11.82 -5.37
C GLY A 90 -15.28 -10.73 -5.78
N LYS A 91 -15.05 -10.52 -7.08
CA LYS A 91 -14.47 -9.24 -7.64
C LYS A 91 -13.09 -8.89 -7.18
N ASN A 92 -12.16 -9.02 -8.11
CA ASN A 92 -10.72 -8.83 -7.88
C ASN A 92 -9.98 -8.71 -9.24
N ASP A 93 -8.72 -8.28 -9.19
CA ASP A 93 -7.89 -8.10 -10.39
C ASP A 93 -6.98 -9.28 -10.71
N ASN A 94 -7.13 -10.39 -10.03
CA ASN A 94 -6.29 -11.58 -10.32
C ASN A 94 -6.86 -12.32 -11.54
N LYS A 95 -6.57 -11.79 -12.71
CA LYS A 95 -7.10 -12.27 -13.97
C LYS A 95 -6.19 -13.39 -14.48
N PRO A 96 -6.81 -14.53 -14.92
CA PRO A 96 -5.96 -15.71 -15.31
C PRO A 96 -5.16 -15.52 -16.60
N LEU A 97 -3.96 -16.09 -16.65
CA LEU A 97 -3.15 -15.98 -17.87
C LEU A 97 -2.67 -17.38 -18.19
N SER A 98 -2.67 -17.70 -19.48
CA SER A 98 -2.14 -18.97 -19.94
C SER A 98 -0.65 -18.88 -19.92
N PRO A 99 0.03 -20.04 -19.70
CA PRO A 99 1.48 -20.19 -19.81
C PRO A 99 1.97 -19.76 -21.17
N GLU A 100 1.19 -20.02 -22.24
CA GLU A 100 1.63 -19.68 -23.60
C GLU A 100 1.70 -18.18 -23.76
N THR A 101 0.70 -17.45 -23.32
CA THR A 101 0.82 -16.01 -23.50
C THR A 101 1.83 -15.37 -22.54
N TRP A 102 1.97 -15.94 -21.34
CA TRP A 102 3.14 -15.64 -20.48
C TRP A 102 4.44 -15.68 -21.28
N GLN A 103 4.70 -16.79 -21.97
CA GLN A 103 5.93 -16.89 -22.77
C GLN A 103 6.10 -15.79 -23.81
N HIS A 104 5.00 -15.41 -24.48
CA HIS A 104 5.06 -14.26 -25.38
C HIS A 104 5.48 -13.00 -24.66
N LEU A 105 4.89 -12.77 -23.47
CA LEU A 105 5.13 -11.56 -22.67
C LEU A 105 6.58 -11.56 -22.21
N LYS A 106 7.12 -12.73 -21.91
CA LYS A 106 8.53 -12.84 -21.48
C LYS A 106 9.51 -12.58 -22.61
N GLY A 107 9.19 -13.04 -23.82
CA GLY A 107 9.93 -12.67 -25.01
C GLY A 107 9.95 -11.15 -25.22
N LEU A 108 8.82 -10.46 -25.07
CA LEU A 108 8.80 -9.02 -25.28
C LEU A 108 9.76 -8.36 -24.30
N VAL A 109 9.64 -8.66 -23.02
CA VAL A 109 10.49 -7.96 -22.02
C VAL A 109 11.98 -8.30 -22.16
N THR A 110 12.31 -9.59 -22.20
CA THR A 110 13.71 -10.00 -22.36
C THR A 110 14.36 -9.46 -23.62
N ARG A 111 13.61 -9.42 -24.75
CA ARG A 111 14.19 -8.74 -25.93
C ARG A 111 14.39 -7.26 -25.76
N GLN A 112 13.52 -6.58 -24.99
CA GLN A 112 13.61 -5.10 -24.84
C GLN A 112 14.87 -4.82 -24.03
N LEU A 113 15.12 -5.68 -23.07
CA LEU A 113 16.20 -5.46 -22.10
C LEU A 113 17.54 -5.90 -22.67
N SER A 114 17.47 -6.71 -23.73
CA SER A 114 18.67 -7.20 -24.48
C SER A 114 19.34 -6.09 -25.25
N GLY A 115 20.68 -6.14 -25.28
CA GLY A 115 21.49 -5.10 -25.94
C GLY A 115 21.42 -3.70 -25.30
N LYS A 116 20.98 -3.67 -24.05
CA LYS A 116 20.79 -2.45 -23.27
C LYS A 116 21.82 -2.46 -22.15
N ARG A 117 22.08 -1.28 -21.66
CA ARG A 117 22.72 -1.19 -20.38
C ARG A 117 21.67 -1.50 -19.31
N LEU A 118 21.96 -2.47 -18.42
CA LEU A 118 21.01 -2.85 -17.38
C LEU A 118 21.47 -2.53 -15.96
N PHE A 119 20.52 -2.13 -15.11
CA PHE A 119 20.73 -2.08 -13.67
C PHE A 119 20.13 -3.32 -13.11
N VAL A 120 20.87 -3.93 -12.19
CA VAL A 120 20.42 -5.16 -11.52
C VAL A 120 20.44 -4.83 -10.03
N VAL A 121 19.27 -4.82 -9.39
CA VAL A 121 19.24 -4.53 -7.95
C VAL A 121 18.79 -5.79 -7.22
N ASP A 122 19.63 -6.25 -6.29
CA ASP A 122 19.25 -7.34 -5.41
C ASP A 122 18.73 -6.77 -4.11
N ALA A 123 17.63 -7.31 -3.65
CA ALA A 123 17.01 -6.78 -2.43
C ALA A 123 16.19 -7.90 -1.79
N PHE A 124 15.77 -7.66 -0.55
CA PHE A 124 14.77 -8.45 0.17
C PHE A 124 13.39 -7.77 0.28
N CYS A 125 12.37 -8.61 0.22
CA CYS A 125 11.03 -8.26 0.58
C CYS A 125 10.76 -9.09 1.80
N GLY A 126 10.60 -8.44 2.94
CA GLY A 126 10.37 -9.09 4.25
C GLY A 126 11.59 -8.92 5.15
N ALA A 127 11.35 -8.59 6.42
CA ALA A 127 12.44 -8.26 7.36
C ALA A 127 13.18 -9.49 7.95
N ASN A 128 12.54 -10.65 7.86
CA ASN A 128 13.00 -11.87 8.50
C ASN A 128 13.52 -12.80 7.44
N PRO A 129 14.79 -13.24 7.62
CA PRO A 129 15.51 -14.17 6.77
C PRO A 129 14.62 -15.37 6.43
N ASP A 130 13.78 -15.68 7.37
CA ASP A 130 13.03 -16.90 7.47
C ASP A 130 11.83 -16.92 6.47
N THR A 131 11.20 -15.76 6.23
CA THR A 131 10.10 -15.69 5.25
C THR A 131 10.32 -14.73 4.04
N ARG A 132 11.46 -14.05 4.01
CA ARG A 132 11.76 -13.08 3.00
C ARG A 132 12.02 -13.66 1.65
N LEU A 133 11.58 -12.93 0.65
CA LEU A 133 11.96 -13.16 -0.71
C LEU A 133 13.26 -12.40 -1.02
N SER A 134 14.15 -13.05 -1.77
CA SER A 134 15.32 -12.47 -2.40
C SER A 134 14.99 -12.09 -3.82
N VAL A 135 14.70 -10.81 -4.06
CA VAL A 135 14.27 -10.35 -5.33
C VAL A 135 15.41 -9.74 -6.11
N ARG A 136 15.48 -10.09 -7.39
CA ARG A 136 16.38 -9.48 -8.35
C ARG A 136 15.53 -8.67 -9.30
N PHE A 137 15.77 -7.37 -9.27
CA PHE A 137 15.11 -6.42 -10.17
C PHE A 137 16.03 -6.07 -11.31
N ILE A 138 15.51 -6.14 -12.53
CA ILE A 138 16.29 -5.86 -13.75
C ILE A 138 15.55 -4.74 -14.49
N THR A 139 16.22 -3.59 -14.67
CA THR A 139 15.66 -2.45 -15.35
C THR A 139 16.67 -1.74 -16.26
N GLU A 140 16.17 -1.02 -17.26
CA GLU A 140 17.01 -0.17 -18.10
C GLU A 140 16.88 1.36 -17.80
N VAL A 141 16.05 1.70 -16.80
CA VAL A 141 15.85 3.07 -16.36
C VAL A 141 16.41 3.26 -14.93
N ALA A 142 17.34 4.22 -14.79
CA ALA A 142 18.05 4.46 -13.51
C ALA A 142 17.08 4.75 -12.40
N TRP A 143 16.04 5.57 -12.63
CA TRP A 143 15.16 5.93 -11.50
C TRP A 143 14.32 4.74 -11.06
N GLN A 144 14.09 3.78 -11.95
CA GLN A 144 13.36 2.60 -11.53
C GLN A 144 14.20 1.77 -10.53
N ALA A 145 15.52 1.77 -10.73
CA ALA A 145 16.49 1.01 -9.95
C ALA A 145 16.52 1.71 -8.63
N HIS A 146 16.42 3.03 -8.69
CA HIS A 146 16.47 3.93 -7.54
C HIS A 146 15.23 3.69 -6.69
N PHE A 147 14.07 3.60 -7.34
CA PHE A 147 12.83 3.26 -6.65
C PHE A 147 12.97 1.91 -5.90
N VAL A 148 13.47 0.85 -6.55
CA VAL A 148 13.55 -0.43 -5.82
C VAL A 148 14.65 -0.40 -4.74
N LYS A 149 15.71 0.37 -4.99
CA LYS A 149 16.76 0.54 -3.93
C LYS A 149 16.17 1.23 -2.71
N ASN A 150 15.32 2.25 -2.93
CA ASN A 150 14.52 2.91 -1.83
C ASN A 150 13.50 2.00 -1.12
N MET A 151 12.65 1.34 -1.90
CA MET A 151 11.46 0.69 -1.33
C MET A 151 11.71 -0.70 -0.85
N PHE A 152 12.76 -1.37 -1.29
CA PHE A 152 13.02 -2.77 -0.79
C PHE A 152 14.17 -2.80 0.18
N ILE A 153 14.37 -3.94 0.87
CA ILE A 153 15.44 -4.03 1.87
C ILE A 153 16.80 -4.27 1.19
N ARG A 154 17.74 -3.34 1.46
CA ARG A 154 19.03 -3.24 0.86
C ARG A 154 19.95 -4.23 1.58
N PRO A 155 20.43 -5.29 0.93
CA PRO A 155 21.28 -6.32 1.62
C PRO A 155 22.65 -5.84 2.11
N SER A 156 23.13 -6.42 3.20
CA SER A 156 24.54 -6.33 3.64
C SER A 156 25.46 -6.66 2.45
N ASP A 157 26.72 -6.25 2.51
CA ASP A 157 27.73 -6.88 1.62
C ASP A 157 27.81 -8.38 1.81
N GLU A 158 27.55 -8.88 3.01
CA GLU A 158 27.69 -10.33 3.19
C GLU A 158 26.47 -11.06 2.62
N GLU A 159 25.31 -10.42 2.67
CA GLU A 159 24.09 -10.98 2.08
C GLU A 159 24.18 -10.96 0.57
N LEU A 160 24.76 -9.89 0.03
CA LEU A 160 25.03 -9.81 -1.39
C LEU A 160 25.96 -10.90 -1.91
N ALA A 161 27.02 -11.19 -1.15
CA ALA A 161 27.97 -12.27 -1.56
C ALA A 161 27.30 -13.64 -1.69
N GLY A 162 26.42 -14.00 -0.75
CA GLY A 162 25.65 -15.23 -0.91
C GLY A 162 24.27 -15.15 -1.59
N PHE A 163 23.96 -14.03 -2.24
CA PHE A 163 22.59 -13.80 -2.74
C PHE A 163 22.07 -14.81 -3.75
N LYS A 164 20.94 -15.44 -3.42
CA LYS A 164 20.32 -16.41 -4.33
C LYS A 164 18.86 -15.97 -4.64
N PRO A 165 18.60 -15.44 -5.85
CA PRO A 165 17.22 -14.94 -6.13
C PRO A 165 16.17 -16.03 -6.04
N ASP A 166 15.07 -15.68 -5.36
CA ASP A 166 13.82 -16.39 -5.18
C ASP A 166 12.73 -15.86 -6.09
N PHE A 167 12.96 -14.67 -6.63
CA PHE A 167 11.97 -14.02 -7.46
C PHE A 167 12.67 -12.98 -8.33
N ILE A 168 12.27 -12.92 -9.60
CA ILE A 168 12.88 -12.02 -10.56
C ILE A 168 11.82 -11.06 -11.12
N VAL A 169 12.11 -9.77 -11.02
CA VAL A 169 11.25 -8.78 -11.63
C VAL A 169 11.96 -8.10 -12.78
N MET A 170 11.41 -8.33 -13.96
CA MET A 170 11.99 -7.73 -15.14
C MET A 170 11.11 -6.62 -15.58
N ASN A 171 11.66 -5.41 -15.56
CA ASN A 171 10.86 -4.23 -15.90
C ASN A 171 11.22 -3.82 -17.33
N GLY A 172 10.31 -4.22 -18.24
CA GLY A 172 10.41 -3.86 -19.65
C GLY A 172 9.42 -2.72 -19.94
N ALA A 173 9.40 -1.66 -19.11
CA ALA A 173 8.46 -0.51 -19.32
C ALA A 173 8.39 0.05 -20.74
N LYS A 174 9.51 0.06 -21.47
CA LYS A 174 9.51 0.62 -22.83
C LYS A 174 8.90 -0.21 -23.92
N CYS A 175 8.57 -1.46 -23.63
CA CYS A 175 8.03 -2.32 -24.64
C CYS A 175 6.51 -2.41 -24.41
N THR A 176 5.75 -2.78 -25.45
CA THR A 176 4.31 -2.91 -25.37
C THR A 176 4.01 -4.21 -26.12
N ASN A 177 2.80 -4.74 -25.95
CA ASN A 177 2.44 -6.07 -26.47
C ASN A 177 1.49 -5.90 -27.64
N PRO A 178 2.00 -6.13 -28.88
CA PRO A 178 1.17 -5.94 -30.08
C PRO A 178 0.07 -6.97 -30.22
N GLN A 179 0.16 -8.06 -29.49
CA GLN A 179 -0.76 -9.19 -29.71
C GLN A 179 -1.90 -9.28 -28.68
N TRP A 180 -2.12 -8.20 -27.93
CA TRP A 180 -3.00 -8.29 -26.76
C TRP A 180 -4.46 -8.56 -27.12
N LYS A 181 -4.94 -8.04 -28.28
CA LYS A 181 -6.35 -8.26 -28.71
C LYS A 181 -6.51 -9.75 -29.00
N GLU A 182 -5.65 -10.26 -29.87
CA GLU A 182 -5.52 -11.69 -30.13
C GLU A 182 -5.57 -12.49 -28.80
N GLN A 183 -4.80 -12.05 -27.78
CA GLN A 183 -4.59 -12.80 -26.50
C GLN A 183 -5.65 -12.59 -25.39
N GLY A 184 -6.66 -11.76 -25.69
CA GLY A 184 -7.78 -11.55 -24.76
C GLY A 184 -7.41 -10.66 -23.56
N LEU A 185 -6.43 -9.78 -23.73
CA LEU A 185 -5.93 -8.97 -22.62
C LEU A 185 -6.60 -7.62 -22.66
N ASN A 186 -6.27 -6.73 -21.72
CA ASN A 186 -7.00 -5.45 -21.60
C ASN A 186 -6.47 -4.34 -22.49
N SER A 187 -5.16 -4.36 -22.78
CA SER A 187 -4.45 -3.27 -23.45
C SER A 187 -3.11 -3.82 -23.85
N GLU A 188 -2.28 -2.95 -24.43
CA GLU A 188 -0.95 -3.32 -24.84
C GLU A 188 -0.02 -3.31 -23.65
N ASN A 189 -0.53 -2.95 -22.47
CA ASN A 189 0.31 -2.94 -21.27
C ASN A 189 0.12 -4.24 -20.49
N PHE A 190 1.00 -4.52 -19.53
CA PHE A 190 0.88 -5.76 -18.77
C PHE A 190 1.71 -5.75 -17.50
N VAL A 191 1.09 -6.30 -16.45
CA VAL A 191 1.77 -6.53 -15.22
C VAL A 191 1.45 -7.98 -14.91
N ALA A 192 2.38 -8.88 -15.25
CA ALA A 192 2.08 -10.31 -15.18
C ALA A 192 2.90 -11.02 -14.18
N PHE A 193 2.32 -12.04 -13.54
CA PHE A 193 3.04 -12.82 -12.55
C PHE A 193 3.00 -14.30 -12.85
N ASN A 194 4.15 -14.95 -12.68
CA ASN A 194 4.23 -16.40 -12.85
C ASN A 194 4.88 -16.97 -11.57
N LEU A 195 4.06 -17.71 -10.80
CA LEU A 195 4.45 -18.39 -9.55
C LEU A 195 5.17 -19.72 -9.78
N THR A 196 5.17 -20.23 -11.00
CA THR A 196 5.99 -21.41 -11.32
C THR A 196 7.40 -20.99 -11.63
N GLU A 197 7.55 -19.98 -12.50
CA GLU A 197 8.85 -19.46 -12.83
C GLU A 197 9.36 -18.40 -11.82
N ARG A 198 8.48 -17.97 -10.89
CA ARG A 198 8.78 -16.98 -9.87
C ARG A 198 9.29 -15.68 -10.47
N MET A 199 8.38 -15.04 -11.24
CA MET A 199 8.76 -13.88 -12.01
C MET A 199 7.59 -12.89 -12.10
N GLN A 200 7.94 -11.61 -12.10
CA GLN A 200 7.02 -10.56 -12.51
C GLN A 200 7.59 -9.90 -13.78
N LEU A 201 6.74 -9.75 -14.81
CA LEU A 201 7.00 -8.98 -16.03
C LEU A 201 6.18 -7.68 -16.04
N ILE A 202 6.84 -6.60 -16.42
CA ILE A 202 6.14 -5.32 -16.56
C ILE A 202 6.42 -4.79 -17.96
N GLY A 203 5.35 -4.51 -18.69
CA GLY A 203 5.43 -3.93 -20.00
C GLY A 203 4.57 -2.66 -20.08
N GLY A 204 5.08 -1.66 -20.77
CA GLY A 204 4.23 -0.50 -21.14
C GLY A 204 4.15 0.57 -20.07
N THR A 205 3.99 0.17 -18.80
CA THR A 205 3.89 1.15 -17.72
C THR A 205 5.25 1.27 -17.04
N TRP A 206 5.65 2.52 -16.78
CA TRP A 206 6.92 2.86 -16.16
C TRP A 206 6.78 2.88 -14.65
N TYR A 207 5.52 2.88 -14.22
CA TYR A 207 5.18 3.27 -12.86
C TYR A 207 5.77 2.27 -11.89
N GLY A 208 6.59 2.78 -10.96
CA GLY A 208 7.36 1.98 -9.99
C GLY A 208 6.49 1.21 -8.97
N GLY A 209 5.37 1.81 -8.60
CA GLY A 209 4.42 1.15 -7.73
C GLY A 209 4.08 -0.25 -8.25
N GLU A 210 4.29 -0.53 -9.55
CA GLU A 210 4.00 -1.88 -10.01
C GLU A 210 4.92 -2.95 -9.37
N MET A 211 6.20 -2.63 -9.14
CA MET A 211 7.17 -3.59 -8.50
C MET A 211 6.87 -3.75 -7.02
N LYS A 212 6.65 -2.61 -6.36
CA LYS A 212 6.31 -2.55 -4.94
C LYS A 212 5.09 -3.44 -4.62
N LYS A 213 3.96 -3.19 -5.28
CA LYS A 213 2.72 -3.87 -5.02
C LYS A 213 2.71 -5.27 -5.59
N GLY A 214 3.47 -5.45 -6.65
CA GLY A 214 3.72 -6.75 -7.24
C GLY A 214 4.30 -7.76 -6.30
N MET A 215 5.44 -7.42 -5.69
CA MET A 215 6.03 -8.20 -4.59
C MET A 215 5.12 -8.26 -3.31
N PHE A 216 4.42 -7.18 -2.97
CA PHE A 216 3.44 -7.24 -1.90
C PHE A 216 2.37 -8.32 -2.18
N SER A 217 1.74 -8.31 -3.37
CA SER A 217 0.86 -9.38 -3.82
C SER A 217 1.47 -10.76 -3.68
N MET A 218 2.78 -10.91 -3.95
CA MET A 218 3.42 -12.26 -3.87
C MET A 218 3.53 -12.70 -2.41
N MET A 219 3.93 -11.77 -1.54
CA MET A 219 3.93 -11.99 -0.08
C MET A 219 2.52 -12.31 0.43
N ASN A 220 1.51 -11.66 -0.15
CA ASN A 220 0.12 -11.88 0.30
C ASN A 220 -0.40 -13.27 -0.06
N TYR A 221 0.27 -13.86 -1.01
CA TYR A 221 -0.04 -15.19 -1.44
C TYR A 221 0.65 -16.20 -0.55
N LEU A 222 1.94 -15.98 -0.27
CA LEU A 222 2.84 -16.97 0.29
C LEU A 222 2.74 -17.00 1.81
N LEU A 223 2.67 -15.82 2.39
CA LEU A 223 2.59 -15.73 3.85
C LEU A 223 1.39 -16.44 4.52
N PRO A 224 0.14 -16.07 4.19
CA PRO A 224 -0.97 -16.71 4.94
C PRO A 224 -1.11 -18.25 4.73
N LEU A 225 -0.51 -18.78 3.66
CA LEU A 225 -0.52 -20.23 3.40
C LEU A 225 0.40 -20.93 4.42
N LYS A 226 1.30 -20.15 5.02
CA LYS A 226 2.04 -20.67 6.18
C LYS A 226 1.69 -20.03 7.54
N GLY A 227 0.46 -19.54 7.66
CA GLY A 227 0.00 -19.10 8.97
C GLY A 227 0.39 -17.69 9.38
N ILE A 228 1.00 -16.92 8.46
CA ILE A 228 1.49 -15.55 8.79
C ILE A 228 0.55 -14.47 8.20
N ALA A 229 0.01 -13.56 9.03
CA ALA A 229 -0.83 -12.46 8.45
C ALA A 229 0.01 -11.67 7.47
N SER A 230 -0.60 -11.26 6.36
CA SER A 230 0.12 -10.38 5.45
C SER A 230 -0.77 -9.14 5.26
N MET A 231 -0.26 -7.93 5.57
CA MET A 231 -1.22 -6.83 5.83
C MET A 231 -0.90 -5.54 5.13
N HIS A 232 -1.94 -4.84 4.68
CA HIS A 232 -1.84 -3.53 4.06
C HIS A 232 -1.99 -2.49 5.17
N CYS A 233 -0.87 -2.24 5.83
CA CYS A 233 -0.91 -1.40 7.03
C CYS A 233 0.40 -0.73 7.29
N SER A 234 0.30 0.40 7.97
CA SER A 234 1.35 1.10 8.69
C SER A 234 1.58 0.37 9.98
N ALA A 235 2.72 0.63 10.64
CA ALA A 235 3.00 0.11 11.96
C ALA A 235 4.06 0.98 12.63
N ASN A 236 3.88 1.20 13.91
CA ASN A 236 4.89 1.83 14.77
C ASN A 236 4.81 1.29 16.19
N VAL A 237 5.76 1.68 17.02
CA VAL A 237 5.85 1.17 18.36
C VAL A 237 6.23 2.30 19.36
N GLY A 238 5.53 2.34 20.49
CA GLY A 238 5.85 3.31 21.56
C GLY A 238 7.04 2.88 22.42
N GLU A 239 7.66 3.87 23.08
CA GLU A 239 8.78 3.63 24.01
C GLU A 239 8.43 2.51 24.99
N LYS A 240 7.16 2.50 25.37
CA LYS A 240 6.62 1.42 26.18
C LYS A 240 6.72 0.02 25.54
N GLY A 241 7.02 -0.08 24.24
CA GLY A 241 6.96 -1.38 23.50
C GLY A 241 5.56 -1.77 22.97
N ASP A 242 4.58 -0.86 23.13
CA ASP A 242 3.26 -1.11 22.53
C ASP A 242 3.22 -0.94 20.98
N VAL A 243 2.85 -2.01 20.29
CA VAL A 243 2.79 -1.98 18.82
C VAL A 243 1.38 -1.62 18.30
N ALA A 244 1.30 -0.67 17.36
CA ALA A 244 0.06 -0.35 16.67
C ALA A 244 0.21 -0.65 15.19
N VAL A 245 -0.84 -1.17 14.54
CA VAL A 245 -0.90 -1.27 13.09
C VAL A 245 -2.07 -0.43 12.62
N PHE A 246 -1.97 0.13 11.43
CA PHE A 246 -2.99 1.02 10.92
C PHE A 246 -3.40 0.56 9.54
N PHE A 247 -4.54 -0.06 9.41
CA PHE A 247 -5.00 -0.47 8.07
C PHE A 247 -5.69 0.68 7.34
N GLY A 248 -5.78 0.61 6.02
CA GLY A 248 -6.67 1.49 5.32
C GLY A 248 -6.38 1.46 3.84
N LEU A 249 -7.32 1.96 3.06
CA LEU A 249 -7.11 2.06 1.63
C LEU A 249 -6.19 3.27 1.31
N SER A 250 -5.94 3.48 0.04
CA SER A 250 -4.99 4.50 -0.38
C SER A 250 -5.54 5.87 -0.04
N GLY A 251 -4.68 6.69 0.58
CA GLY A 251 -5.02 8.09 0.88
C GLY A 251 -5.75 8.24 2.19
N THR A 252 -5.91 7.15 2.94
CA THR A 252 -6.64 7.20 4.22
C THR A 252 -5.79 7.65 5.45
N GLY A 253 -4.47 7.78 5.29
CA GLY A 253 -3.58 8.21 6.39
C GLY A 253 -2.57 7.20 6.92
N LYS A 254 -2.39 6.02 6.32
CA LYS A 254 -1.41 5.05 6.92
C LYS A 254 0.00 5.66 7.01
N THR A 255 0.48 6.24 5.91
CA THR A 255 1.79 6.87 5.89
C THR A 255 1.82 8.13 6.76
N THR A 256 0.86 9.03 6.52
CA THR A 256 0.75 10.25 7.28
C THR A 256 0.74 10.05 8.80
N LEU A 257 -0.13 9.16 9.29
CA LEU A 257 -0.35 9.07 10.74
C LEU A 257 0.61 8.13 11.52
N SER A 258 1.30 7.21 10.85
CA SER A 258 2.29 6.38 11.54
C SER A 258 3.62 7.12 11.70
N THR A 259 3.80 8.24 11.00
CA THR A 259 5.02 9.02 11.13
C THR A 259 4.65 10.00 12.20
N ASP A 260 4.96 9.62 13.43
CA ASP A 260 4.57 10.26 14.68
C ASP A 260 5.89 10.37 15.48
N PRO A 261 6.26 11.60 15.94
CA PRO A 261 7.67 11.77 16.34
C PRO A 261 7.94 11.12 17.68
N LYS A 262 6.86 10.95 18.47
CA LYS A 262 6.82 10.22 19.74
C LYS A 262 7.11 8.70 19.61
N ARG A 263 6.59 8.09 18.54
CA ARG A 263 6.76 6.63 18.30
C ARG A 263 7.81 6.27 17.30
N ARG A 264 8.32 5.05 17.40
CA ARG A 264 9.27 4.54 16.41
C ARG A 264 8.52 3.83 15.29
N LEU A 265 8.78 4.27 14.06
CA LEU A 265 8.18 3.71 12.86
C LEU A 265 8.78 2.34 12.55
N ILE A 266 7.93 1.34 12.41
CA ILE A 266 8.27 0.04 11.83
C ILE A 266 8.24 0.10 10.30
N GLY A 267 7.14 0.65 9.75
CA GLY A 267 6.98 0.82 8.31
C GLY A 267 5.68 1.58 8.00
N ASP A 268 5.47 2.00 6.75
CA ASP A 268 4.23 2.75 6.39
C ASP A 268 3.24 2.00 5.58
N ASP A 269 3.48 0.73 5.20
CA ASP A 269 2.60 0.16 4.15
C ASP A 269 2.31 -1.37 4.11
N GLU A 270 3.35 -2.16 4.36
CA GLU A 270 3.29 -3.62 4.15
C GLU A 270 3.98 -4.29 5.31
N HIS A 271 3.20 -5.04 6.11
CA HIS A 271 3.72 -5.80 7.23
C HIS A 271 3.12 -7.20 7.29
N GLY A 272 3.93 -8.12 7.85
CA GLY A 272 3.50 -9.46 8.16
C GLY A 272 3.37 -9.65 9.66
N TRP A 273 2.66 -10.68 10.12
CA TRP A 273 2.48 -10.85 11.53
C TRP A 273 2.66 -12.34 11.79
N ASP A 274 3.77 -12.74 12.42
CA ASP A 274 4.07 -14.15 12.65
C ASP A 274 4.08 -14.42 14.17
N ASP A 275 4.67 -15.58 14.59
CA ASP A 275 4.79 -16.00 15.99
C ASP A 275 5.55 -15.01 16.86
N ASP A 276 6.42 -14.21 16.25
CA ASP A 276 7.19 -13.23 17.05
C ASP A 276 6.67 -11.78 16.96
N GLY A 277 5.86 -11.49 15.97
CA GLY A 277 5.22 -10.15 15.93
C GLY A 277 5.17 -9.58 14.53
N VAL A 278 5.06 -8.26 14.45
CA VAL A 278 4.76 -7.54 13.23
C VAL A 278 6.06 -7.10 12.61
N PHE A 279 6.25 -7.39 11.32
CA PHE A 279 7.50 -7.05 10.63
C PHE A 279 7.20 -6.41 9.28
N ASN A 280 8.06 -5.47 8.88
CA ASN A 280 7.92 -4.68 7.68
C ASN A 280 8.52 -5.48 6.54
N PHE A 281 7.85 -5.43 5.38
CA PHE A 281 8.36 -6.03 4.15
C PHE A 281 9.41 -5.16 3.46
N GLU A 282 9.40 -3.87 3.71
CA GLU A 282 10.04 -2.89 2.84
C GLU A 282 11.22 -2.22 3.51
N GLY A 283 12.06 -1.56 2.70
CA GLY A 283 13.14 -0.74 3.22
C GLY A 283 13.01 0.76 3.05
N GLY A 284 11.83 1.21 2.65
CA GLY A 284 11.56 2.62 2.44
C GLY A 284 10.10 2.95 2.69
N CYS A 285 9.76 4.22 2.44
CA CYS A 285 8.41 4.76 2.54
C CYS A 285 8.03 5.51 1.30
N TYR A 286 6.74 5.46 0.96
CA TYR A 286 6.29 6.00 -0.32
C TYR A 286 5.17 7.01 0.00
N ALA A 287 5.57 8.24 0.29
CA ALA A 287 4.66 9.28 0.74
C ALA A 287 3.92 9.96 -0.37
N LYS A 288 2.66 10.31 -0.12
CA LYS A 288 1.91 11.25 -0.94
C LYS A 288 2.35 12.71 -0.64
N THR A 289 2.48 13.50 -1.69
CA THR A 289 3.00 14.86 -1.56
C THR A 289 1.93 15.88 -2.03
N ILE A 290 0.77 15.42 -2.49
CA ILE A 290 -0.23 16.41 -2.97
C ILE A 290 -0.56 17.35 -1.85
N LYS A 291 -0.35 18.65 -2.10
CA LYS A 291 -0.63 19.71 -1.09
C LYS A 291 0.15 19.52 0.20
N LEU A 292 1.36 18.95 0.09
CA LEU A 292 2.18 18.62 1.30
C LEU A 292 2.48 19.89 2.10
N SER A 293 2.29 19.80 3.41
CA SER A 293 2.52 20.88 4.35
C SER A 293 3.71 20.54 5.26
N LYS A 294 4.76 21.36 5.16
CA LYS A 294 5.95 21.25 6.00
C LYS A 294 5.51 21.28 7.45
N GLU A 295 4.60 22.21 7.80
CA GLU A 295 4.06 22.29 9.15
C GLU A 295 3.14 21.12 9.62
N ALA A 296 2.32 20.56 8.73
CA ALA A 296 1.44 19.46 9.14
C ALA A 296 2.17 18.12 9.17
N GLU A 297 3.18 17.96 8.31
CA GLU A 297 3.96 16.71 8.20
C GLU A 297 5.47 17.00 8.07
N PRO A 298 6.09 17.51 9.15
CA PRO A 298 7.51 17.89 9.11
C PRO A 298 8.50 16.72 8.88
N GLU A 299 8.23 15.52 9.40
CA GLU A 299 9.12 14.36 9.22
C GLU A 299 9.14 13.90 7.78
N ILE A 300 7.96 13.78 7.17
CA ILE A 300 7.86 13.43 5.76
C ILE A 300 8.51 14.50 4.92
N TYR A 301 8.24 15.78 5.25
CA TYR A 301 8.84 16.84 4.48
C TYR A 301 10.35 16.77 4.56
N ASN A 302 10.91 16.58 5.77
CA ASN A 302 12.37 16.63 5.91
C ASN A 302 13.13 15.41 5.37
N ALA A 303 12.37 14.35 5.07
CA ALA A 303 12.84 13.14 4.36
C ALA A 303 13.16 13.42 2.89
N ILE A 304 12.54 14.46 2.34
CA ILE A 304 12.77 14.82 0.97
C ILE A 304 14.07 15.62 0.84
N ARG A 305 15.09 14.90 0.37
CA ARG A 305 16.46 15.38 0.27
C ARG A 305 17.20 14.37 -0.62
N ARG A 306 18.49 14.59 -0.85
CA ARG A 306 19.23 13.76 -1.78
C ARG A 306 19.00 12.27 -1.39
N ASP A 307 18.69 11.45 -2.40
CA ASP A 307 18.37 9.99 -2.35
C ASP A 307 16.89 9.68 -2.25
N ALA A 308 16.07 10.69 -1.88
CA ALA A 308 14.60 10.62 -2.04
C ALA A 308 14.36 10.71 -3.51
N LEU A 309 13.29 10.10 -3.96
CA LEU A 309 12.94 10.24 -5.37
C LEU A 309 11.52 10.77 -5.52
N LEU A 310 11.40 12.01 -5.98
CA LEU A 310 10.10 12.61 -6.26
C LEU A 310 9.48 12.15 -7.58
N GLU A 311 8.14 12.03 -7.57
CA GLU A 311 7.43 11.59 -8.74
C GLU A 311 6.30 12.53 -9.07
N ASN A 312 6.33 13.01 -10.33
CA ASN A 312 5.20 13.70 -11.00
C ASN A 312 4.81 15.07 -10.43
N VAL A 313 5.57 15.56 -9.47
CA VAL A 313 5.36 16.88 -8.87
C VAL A 313 5.73 17.98 -9.88
N THR A 314 5.18 19.18 -9.73
CA THR A 314 5.64 20.20 -10.63
C THR A 314 6.79 20.98 -10.04
N VAL A 315 7.87 21.05 -10.82
CA VAL A 315 9.11 21.70 -10.41
C VAL A 315 9.23 22.97 -11.24
N ARG A 316 9.33 24.09 -10.54
CA ARG A 316 9.44 25.39 -11.18
C ARG A 316 10.82 25.55 -11.81
N GLU A 317 10.95 26.56 -12.66
CA GLU A 317 12.19 26.79 -13.38
C GLU A 317 13.36 27.07 -12.43
N ASP A 318 13.06 27.56 -11.23
CA ASP A 318 14.10 27.83 -10.25
C ASP A 318 14.51 26.64 -9.31
N GLY A 319 13.99 25.43 -9.58
CA GLY A 319 14.24 24.26 -8.75
C GLY A 319 13.21 24.06 -7.65
N THR A 320 12.37 25.06 -7.38
CA THR A 320 11.43 24.88 -6.28
C THR A 320 10.20 24.05 -6.71
N ILE A 321 9.48 23.51 -5.73
CA ILE A 321 8.42 22.55 -5.99
C ILE A 321 7.08 23.16 -5.64
N ASP A 322 6.17 23.11 -6.59
CA ASP A 322 4.77 23.42 -6.33
C ASP A 322 4.04 22.11 -5.90
N PHE A 323 3.97 21.87 -4.59
CA PHE A 323 3.36 20.65 -4.03
C PHE A 323 1.85 20.60 -4.19
N ASP A 324 1.24 21.78 -4.32
CA ASP A 324 -0.19 21.90 -4.47
C ASP A 324 -0.62 21.53 -5.87
N ASP A 325 0.31 21.57 -6.84
CA ASP A 325 0.00 21.37 -8.25
C ASP A 325 -0.27 19.91 -8.60
N GLY A 326 -1.55 19.56 -8.75
CA GLY A 326 -2.02 18.20 -9.14
C GLY A 326 -2.35 17.99 -10.62
N SER A 327 -1.86 18.86 -11.50
CA SER A 327 -2.26 18.77 -12.88
C SER A 327 -1.71 17.54 -13.70
N LYS A 328 -0.53 16.99 -13.32
CA LYS A 328 -0.04 15.72 -13.91
C LYS A 328 -0.81 14.54 -13.26
N THR A 329 -0.98 14.61 -11.94
CA THR A 329 -1.76 13.64 -11.23
C THR A 329 -2.02 14.14 -9.84
N GLU A 330 -3.09 13.68 -9.24
CA GLU A 330 -3.26 13.89 -7.78
C GLU A 330 -2.34 12.96 -6.93
N ASN A 331 -1.86 11.88 -7.54
CA ASN A 331 -1.04 10.82 -6.86
C ASN A 331 0.48 11.10 -6.88
N THR A 332 0.85 12.37 -6.65
CA THR A 332 2.27 12.79 -6.55
C THR A 332 2.88 12.14 -5.33
N ARG A 333 4.13 11.71 -5.47
CA ARG A 333 4.75 10.79 -4.47
C ARG A 333 6.16 11.15 -4.30
N VAL A 334 6.72 10.78 -3.13
CA VAL A 334 8.17 10.71 -2.92
C VAL A 334 8.49 9.33 -2.29
N SER A 335 9.47 8.60 -2.81
CA SER A 335 10.02 7.44 -2.08
C SER A 335 11.29 7.90 -1.44
N TYR A 336 11.60 7.31 -0.28
CA TYR A 336 12.88 7.55 0.40
C TYR A 336 13.20 6.30 1.19
N PRO A 337 14.47 6.03 1.36
CA PRO A 337 14.90 4.96 2.27
C PRO A 337 14.33 5.28 3.66
N ILE A 338 13.95 4.25 4.40
CA ILE A 338 13.24 4.45 5.70
C ILE A 338 14.07 5.25 6.72
N TYR A 339 15.40 5.15 6.60
CA TYR A 339 16.24 5.89 7.55
C TYR A 339 16.31 7.41 7.28
N HIS A 340 15.61 7.91 6.24
CA HIS A 340 15.34 9.37 6.12
C HIS A 340 14.35 9.86 7.19
N ILE A 341 13.67 8.93 7.88
CA ILE A 341 12.85 9.28 9.04
C ILE A 341 13.75 9.06 10.28
N ASP A 342 13.78 10.04 11.18
CA ASP A 342 14.75 10.04 12.31
C ASP A 342 14.42 9.00 13.42
N ASN A 343 13.14 8.86 13.75
CA ASN A 343 12.77 7.91 14.79
C ASN A 343 12.13 6.60 14.27
N ILE A 344 12.98 5.60 14.04
CA ILE A 344 12.53 4.35 13.42
C ILE A 344 13.12 3.19 14.20
N VAL A 345 12.48 2.04 14.08
CA VAL A 345 13.06 0.79 14.58
C VAL A 345 14.24 0.44 13.66
N LYS A 346 15.38 0.11 14.25
CA LYS A 346 16.58 -0.25 13.48
C LYS A 346 17.45 -1.15 14.34
N PRO A 347 18.35 -1.98 13.75
CA PRO A 347 18.60 -2.16 12.33
C PRO A 347 17.57 -2.97 11.61
N VAL A 348 16.65 -3.59 12.33
CA VAL A 348 15.61 -4.44 11.68
C VAL A 348 14.24 -3.82 11.94
N SER A 349 13.48 -3.59 10.85
CA SER A 349 12.10 -3.09 10.93
C SER A 349 11.10 -4.22 11.32
N LYS A 350 10.99 -4.44 12.62
CA LYS A 350 10.04 -5.41 13.17
C LYS A 350 9.92 -5.03 14.63
N ALA A 351 8.83 -5.46 15.27
CA ALA A 351 8.69 -5.28 16.74
C ALA A 351 7.74 -6.36 17.19
N GLY A 352 7.22 -6.29 18.42
CA GLY A 352 6.33 -7.32 18.98
C GLY A 352 4.95 -7.44 18.37
N HIS A 353 4.08 -8.14 19.06
CA HIS A 353 2.70 -8.25 18.67
C HIS A 353 1.96 -6.96 18.84
N ALA A 354 1.13 -6.65 17.84
CA ALA A 354 0.25 -5.46 17.87
C ALA A 354 -0.83 -5.70 18.89
N THR A 355 -1.02 -4.67 19.67
CA THR A 355 -2.02 -4.63 20.69
C THR A 355 -3.22 -3.64 20.34
N LYS A 356 -2.95 -2.73 19.39
CA LYS A 356 -3.89 -1.72 18.87
C LYS A 356 -3.96 -1.88 17.35
N VAL A 357 -5.17 -2.02 16.80
CA VAL A 357 -5.37 -2.25 15.36
C VAL A 357 -6.35 -1.18 14.90
N ILE A 358 -5.87 -0.27 14.08
CA ILE A 358 -6.66 0.85 13.59
C ILE A 358 -7.08 0.70 12.13
N PHE A 359 -8.38 0.78 11.88
CA PHE A 359 -8.91 0.78 10.52
C PHE A 359 -9.14 2.23 10.15
N LEU A 360 -8.33 2.77 9.24
CA LEU A 360 -8.49 4.14 8.82
C LEU A 360 -9.46 4.10 7.65
N THR A 361 -10.33 5.09 7.52
CA THR A 361 -11.24 5.17 6.40
C THR A 361 -11.53 6.65 6.14
N ALA A 362 -11.60 7.04 4.87
CA ALA A 362 -11.90 8.42 4.51
C ALA A 362 -13.33 8.48 3.96
N ASP A 363 -14.24 8.76 4.87
CA ASP A 363 -15.65 8.64 4.54
C ASP A 363 -16.18 9.92 3.90
N ALA A 364 -16.27 9.91 2.57
CA ALA A 364 -16.81 11.06 1.81
C ALA A 364 -18.33 11.27 1.95
N PHE A 365 -19.07 10.27 2.42
CA PHE A 365 -20.48 10.47 2.84
C PHE A 365 -20.65 11.31 4.06
N GLY A 366 -19.61 11.45 4.88
CA GLY A 366 -19.69 12.29 6.06
C GLY A 366 -20.59 11.68 7.12
N VAL A 367 -20.54 10.37 7.31
CA VAL A 367 -21.48 9.68 8.21
C VAL A 367 -20.76 9.13 9.43
N LEU A 368 -19.58 8.58 9.18
CA LEU A 368 -18.94 7.78 10.17
C LEU A 368 -18.26 8.75 11.16
N PRO A 369 -18.15 8.32 12.45
CA PRO A 369 -17.56 9.17 13.50
C PRO A 369 -16.04 9.17 13.42
N PRO A 370 -15.37 10.22 13.95
CA PRO A 370 -13.90 10.27 13.91
C PRO A 370 -13.24 9.02 14.49
N VAL A 371 -13.87 8.42 15.50
CA VAL A 371 -13.36 7.23 16.14
C VAL A 371 -14.47 6.50 16.87
N SER A 372 -14.39 5.17 16.78
CA SER A 372 -15.08 4.22 17.66
C SER A 372 -14.26 2.95 17.92
N ARG A 373 -14.44 2.41 19.10
CA ARG A 373 -13.77 1.19 19.48
C ARG A 373 -14.74 0.08 19.04
N LEU A 374 -14.24 -0.87 18.27
CA LEU A 374 -15.07 -1.85 17.58
C LEU A 374 -15.21 -3.07 18.47
N THR A 375 -16.31 -3.81 18.30
CA THR A 375 -16.43 -5.11 18.91
C THR A 375 -15.65 -6.09 18.02
N ALA A 376 -15.54 -7.33 18.48
CA ALA A 376 -14.74 -8.34 17.82
C ALA A 376 -15.45 -8.72 16.54
N ASP A 377 -16.78 -8.63 16.51
CA ASP A 377 -17.57 -8.95 15.32
C ASP A 377 -17.61 -7.80 14.29
N GLN A 378 -17.76 -6.57 14.78
CA GLN A 378 -17.66 -5.37 13.97
C GLN A 378 -16.31 -5.29 13.30
N THR A 379 -15.28 -5.76 14.01
CA THR A 379 -13.91 -5.75 13.57
C THR A 379 -13.84 -6.62 12.33
N GLN A 380 -14.32 -7.72 12.21
CA GLN A 380 -14.40 -8.60 11.05
C GLN A 380 -15.33 -8.02 9.99
N TYR A 381 -16.42 -7.66 10.51
CA TYR A 381 -17.35 -7.13 9.53
C TYR A 381 -16.65 -5.96 8.79
N HIS A 382 -15.97 -5.08 9.54
CA HIS A 382 -15.37 -3.92 8.88
C HIS A 382 -14.11 -4.25 8.12
N PHE A 383 -13.41 -5.30 8.57
CA PHE A 383 -12.24 -5.74 7.88
C PHE A 383 -12.60 -6.26 6.48
N LEU A 384 -13.64 -7.10 6.40
CA LEU A 384 -14.10 -7.69 5.14
C LEU A 384 -14.75 -6.67 4.24
N SER A 385 -15.51 -5.74 4.82
CA SER A 385 -16.08 -4.62 4.06
C SER A 385 -15.03 -3.76 3.34
N GLY A 386 -14.04 -3.26 4.07
CA GLY A 386 -12.93 -2.52 3.50
C GLY A 386 -13.40 -1.22 2.89
N PHE A 387 -14.21 -0.45 3.63
CA PHE A 387 -14.84 0.78 3.09
C PHE A 387 -13.92 1.98 3.12
N THR A 388 -13.89 2.70 2.01
CA THR A 388 -13.55 4.11 1.97
C THR A 388 -14.43 4.80 0.92
N ALA A 389 -14.40 6.13 0.89
CA ALA A 389 -15.15 6.86 -0.14
C ALA A 389 -14.37 8.06 -0.70
N LYS A 390 -14.69 8.49 -1.93
CA LYS A 390 -14.13 9.69 -2.55
C LYS A 390 -15.20 10.69 -3.02
N LEU A 391 -14.90 11.99 -2.93
CA LEU A 391 -15.64 13.02 -3.70
C LEU A 391 -15.14 13.04 -5.15
N ALA A 392 -15.74 12.20 -5.99
CA ALA A 392 -15.25 12.01 -7.36
C ALA A 392 -15.68 13.15 -8.28
N GLY A 393 -16.73 13.85 -7.87
CA GLY A 393 -17.27 14.97 -8.62
C GLY A 393 -16.38 16.21 -8.62
N GLU A 400 -19.69 14.26 -5.20
CA GLU A 400 -20.38 13.06 -5.75
C GLU A 400 -19.90 11.79 -5.02
N PRO A 401 -20.30 11.62 -3.73
CA PRO A 401 -19.60 10.65 -2.90
C PRO A 401 -19.61 9.25 -3.53
N THR A 402 -18.41 8.75 -3.84
CA THR A 402 -18.29 7.46 -4.52
C THR A 402 -17.69 6.44 -3.55
N PRO A 403 -18.44 5.37 -3.26
CA PRO A 403 -17.90 4.32 -2.40
C PRO A 403 -16.86 3.38 -3.03
N THR A 404 -15.94 2.93 -2.20
CA THR A 404 -15.10 1.79 -2.52
C THR A 404 -15.22 0.81 -1.35
N PHE A 405 -15.59 -0.44 -1.66
CA PHE A 405 -15.46 -1.48 -0.69
C PHE A 405 -14.34 -2.37 -1.18
N SER A 406 -13.21 -2.37 -0.48
CA SER A 406 -12.07 -3.17 -0.88
C SER A 406 -11.60 -4.09 0.22
N ALA A 407 -11.94 -5.37 0.10
CA ALA A 407 -11.77 -6.36 1.17
C ALA A 407 -10.40 -6.33 1.86
N CYS A 408 -10.35 -6.39 3.20
CA CYS A 408 -9.07 -6.34 3.98
C CYS A 408 -8.30 -5.01 3.85
N PHE A 409 -9.03 -3.94 3.52
CA PHE A 409 -8.47 -2.61 3.20
C PHE A 409 -7.35 -2.67 2.13
N GLY A 410 -7.46 -3.66 1.23
CA GLY A 410 -6.53 -3.73 0.11
C GLY A 410 -6.72 -4.94 -0.77
N ALA A 411 -7.89 -5.03 -1.39
CA ALA A 411 -8.23 -6.17 -2.24
C ALA A 411 -7.38 -6.26 -3.47
N ALA A 412 -6.96 -5.10 -3.99
CA ALA A 412 -6.07 -5.01 -5.17
C ALA A 412 -4.78 -5.85 -5.04
N PHE A 413 -4.35 -6.20 -3.83
CA PHE A 413 -3.05 -6.89 -3.62
C PHE A 413 -3.22 -8.27 -3.06
N LEU A 414 -4.49 -8.67 -3.01
CA LEU A 414 -4.84 -9.91 -2.36
C LEU A 414 -4.70 -11.03 -3.39
N SER A 415 -3.99 -12.10 -3.01
CA SER A 415 -3.82 -13.31 -3.81
C SER A 415 -4.68 -14.49 -3.39
N LEU A 416 -5.17 -14.46 -2.15
CA LEU A 416 -5.98 -15.51 -1.56
C LEU A 416 -7.34 -14.89 -1.28
N HIS A 417 -8.32 -15.70 -0.93
CA HIS A 417 -9.65 -15.16 -0.62
C HIS A 417 -9.55 -14.22 0.59
N PRO A 418 -10.35 -13.13 0.59
CA PRO A 418 -10.42 -12.27 1.77
C PRO A 418 -10.59 -12.97 3.12
N THR A 419 -11.44 -14.02 3.21
CA THR A 419 -11.60 -14.73 4.48
C THR A 419 -10.31 -15.37 5.00
N GLN A 420 -9.40 -15.72 4.08
CA GLN A 420 -8.11 -16.27 4.50
C GLN A 420 -7.23 -15.21 5.24
N TYR A 421 -7.37 -13.93 4.83
CA TYR A 421 -6.65 -12.83 5.55
C TYR A 421 -7.34 -12.54 6.88
N ALA A 422 -8.68 -12.54 6.85
CA ALA A 422 -9.45 -12.30 8.09
C ALA A 422 -9.10 -13.32 9.08
N GLU A 423 -9.11 -14.61 8.71
CA GLU A 423 -8.83 -15.69 9.67
C GLU A 423 -7.49 -15.58 10.40
N VAL A 424 -6.46 -15.31 9.64
CA VAL A 424 -5.14 -15.20 10.22
C VAL A 424 -4.97 -13.94 11.08
N LEU A 425 -5.50 -12.78 10.64
CA LEU A 425 -5.50 -11.56 11.47
C LEU A 425 -6.20 -11.83 12.83
N VAL A 426 -7.35 -12.51 12.78
CA VAL A 426 -8.10 -12.72 14.03
C VAL A 426 -7.32 -13.55 15.01
N LYS A 427 -6.77 -14.47 14.66
CA LYS A 427 -5.81 -15.33 15.34
C LYS A 427 -4.65 -14.53 15.90
N ARG A 428 -3.95 -13.93 15.13
CA ARG A 428 -2.94 -13.03 15.68
C ARG A 428 -3.52 -12.05 16.70
N MET A 429 -4.60 -11.35 16.36
CA MET A 429 -5.23 -10.40 17.30
C MET A 429 -5.68 -11.02 18.67
N GLN A 430 -6.35 -12.17 18.61
CA GLN A 430 -6.88 -12.96 19.72
C GLN A 430 -5.74 -13.37 20.67
N ALA A 431 -4.65 -13.87 20.11
CA ALA A 431 -3.50 -14.28 20.89
C ALA A 431 -2.77 -13.13 21.55
N ALA A 432 -2.75 -11.95 20.93
CA ALA A 432 -2.15 -10.75 21.60
C ALA A 432 -3.14 -9.95 22.49
N GLY A 433 -4.41 -10.33 22.50
CA GLY A 433 -5.40 -9.53 23.23
C GLY A 433 -5.61 -8.14 22.60
N ALA A 434 -5.48 -8.07 21.26
CA ALA A 434 -5.48 -6.81 20.58
C ALA A 434 -6.90 -6.26 20.50
N GLN A 435 -7.00 -4.93 20.43
CA GLN A 435 -8.26 -4.22 20.29
C GLN A 435 -8.21 -3.46 18.98
N ALA A 436 -9.37 -3.35 18.33
CA ALA A 436 -9.55 -2.68 17.06
C ALA A 436 -10.38 -1.37 17.14
N TYR A 437 -10.27 -0.48 16.27
CA TYR A 437 -10.74 0.89 16.45
C TYR A 437 -11.23 1.49 15.13
N LEU A 438 -12.12 2.02 14.63
CA LEU A 438 -12.42 2.55 13.33
C LEU A 438 -12.24 4.07 13.35
N VAL A 439 -11.41 4.61 12.45
CA VAL A 439 -11.14 6.03 12.47
C VAL A 439 -11.52 6.64 11.13
N ASN A 440 -12.47 7.57 11.15
CA ASN A 440 -12.77 8.35 9.97
C ASN A 440 -11.82 9.55 9.82
N THR A 441 -10.82 9.41 8.93
CA THR A 441 -9.87 10.45 8.64
C THR A 441 -10.44 11.32 7.50
N GLY A 442 -11.67 11.05 7.11
CA GLY A 442 -12.26 11.75 6.00
C GLY A 442 -13.13 12.88 6.46
N TRP A 443 -14.38 12.87 6.00
CA TRP A 443 -15.32 14.02 6.02
C TRP A 443 -16.43 14.00 7.10
N ASN A 444 -16.92 15.22 7.38
CA ASN A 444 -17.94 15.63 8.39
C ASN A 444 -19.11 16.14 7.61
N GLY A 445 -20.18 16.54 8.29
CA GLY A 445 -21.20 17.41 7.67
C GLY A 445 -20.73 18.83 7.32
N THR A 446 -19.48 19.16 7.67
CA THR A 446 -18.89 20.44 7.19
C THR A 446 -18.54 20.39 5.72
N GLY A 447 -18.59 19.19 5.15
CA GLY A 447 -18.12 19.03 3.76
C GLY A 447 -16.62 19.23 3.64
N LYS A 448 -15.95 19.24 4.80
CA LYS A 448 -14.51 19.38 4.86
C LYS A 448 -13.91 18.15 5.59
N ARG A 449 -12.64 17.90 5.30
CA ARG A 449 -11.98 16.78 5.90
C ARG A 449 -11.61 17.17 7.32
N ILE A 450 -11.78 16.28 8.30
CA ILE A 450 -11.28 16.65 9.60
C ILE A 450 -9.75 16.88 9.53
N SER A 451 -9.20 17.69 10.45
CA SER A 451 -7.82 18.13 10.29
C SER A 451 -6.87 17.01 10.67
N ILE A 452 -5.70 16.98 10.03
CA ILE A 452 -4.54 16.19 10.49
C ILE A 452 -4.32 16.31 12.01
N LYS A 453 -4.41 17.53 12.55
CA LYS A 453 -4.21 17.78 13.98
C LYS A 453 -5.19 17.06 14.91
N ASP A 454 -6.49 17.16 14.64
CA ASP A 454 -7.50 16.43 15.41
C ASP A 454 -7.34 14.89 15.26
N THR A 455 -6.90 14.44 14.07
CA THR A 455 -6.72 13.03 13.82
C THR A 455 -5.50 12.54 14.60
N ARG A 456 -4.41 13.32 14.63
CA ARG A 456 -3.27 12.89 15.41
C ARG A 456 -3.68 12.75 16.89
N ALA A 457 -4.53 13.66 17.38
CA ALA A 457 -4.85 13.64 18.80
C ALA A 457 -5.77 12.46 19.11
N ILE A 458 -6.64 12.10 18.17
CA ILE A 458 -7.43 10.89 18.23
C ILE A 458 -6.52 9.65 18.22
N ILE A 459 -5.56 9.56 17.30
CA ILE A 459 -4.57 8.46 17.39
C ILE A 459 -3.84 8.39 18.79
N ASP A 460 -3.39 9.50 19.36
CA ASP A 460 -2.79 9.50 20.74
C ASP A 460 -3.74 8.87 21.76
N ALA A 461 -5.01 9.30 21.69
CA ALA A 461 -6.05 8.88 22.67
C ALA A 461 -6.31 7.37 22.54
N ILE A 462 -6.19 6.86 21.32
CA ILE A 462 -6.31 5.41 21.11
C ILE A 462 -5.15 4.69 21.75
N LEU A 463 -3.97 5.26 21.58
CA LEU A 463 -2.75 4.53 21.90
C LEU A 463 -2.38 4.63 23.38
N ASN A 464 -2.61 5.80 23.96
CA ASN A 464 -2.35 6.01 25.41
C ASN A 464 -3.46 5.49 26.37
N GLY A 465 -4.53 4.92 25.85
CA GLY A 465 -5.52 4.29 26.71
C GLY A 465 -6.70 5.17 27.10
N SER A 466 -6.60 6.47 26.81
CA SER A 466 -7.66 7.46 27.05
C SER A 466 -9.02 7.03 26.49
N LEU A 467 -9.02 6.54 25.23
CA LEU A 467 -10.26 6.16 24.57
C LEU A 467 -10.93 4.96 25.25
N ASP A 468 -10.14 3.92 25.57
CA ASP A 468 -10.67 2.76 26.24
C ASP A 468 -11.37 3.07 27.58
N ASN A 469 -10.91 4.11 28.27
CA ASN A 469 -11.40 4.43 29.59
C ASN A 469 -12.43 5.56 29.54
N ALA A 470 -12.75 5.99 28.32
CA ALA A 470 -13.73 7.05 28.08
C ALA A 470 -15.17 6.55 28.25
N GLU A 471 -16.05 7.47 28.66
CA GLU A 471 -17.46 7.13 28.62
C GLU A 471 -17.91 7.25 27.17
N THR A 472 -18.70 6.26 26.75
CA THR A 472 -19.14 6.10 25.38
C THR A 472 -20.64 5.88 25.32
N PHE A 473 -21.22 6.19 24.16
CA PHE A 473 -22.58 5.79 23.90
C PHE A 473 -22.64 5.20 22.52
N THR A 474 -23.77 4.58 22.17
CA THR A 474 -23.93 4.02 20.83
C THR A 474 -24.50 4.97 19.80
N LEU A 475 -23.74 5.16 18.72
CA LEU A 475 -24.23 5.84 17.52
C LEU A 475 -25.22 4.90 16.82
N PRO A 476 -26.44 5.36 16.56
CA PRO A 476 -27.42 4.49 15.88
C PRO A 476 -26.99 4.08 14.46
N MET A 477 -27.73 3.10 13.91
CA MET A 477 -27.59 2.59 12.56
C MET A 477 -26.36 1.68 12.42
N PHE A 478 -25.18 2.26 12.61
CA PHE A 478 -23.88 1.55 12.57
C PHE A 478 -23.54 0.87 13.91
N ASN A 479 -24.22 1.31 14.96
CA ASN A 479 -24.08 0.79 16.34
C ASN A 479 -22.67 0.85 16.92
N LEU A 480 -22.06 2.01 16.76
CA LEU A 480 -20.65 2.19 17.07
C LEU A 480 -20.52 2.93 18.38
N ALA A 481 -19.70 2.38 19.28
CA ALA A 481 -19.30 3.00 20.55
C ALA A 481 -18.42 4.19 20.27
N ILE A 482 -18.87 5.39 20.62
CA ILE A 482 -18.13 6.64 20.40
C ILE A 482 -18.01 7.38 21.71
N PRO A 483 -16.87 8.07 21.95
CA PRO A 483 -16.75 8.83 23.20
C PRO A 483 -17.52 10.14 23.24
N THR A 484 -17.87 10.51 24.48
CA THR A 484 -18.50 11.79 24.76
C THR A 484 -17.46 12.91 24.78
N GLU A 485 -16.22 12.55 25.04
CA GLU A 485 -15.10 13.49 24.95
C GLU A 485 -13.75 12.78 24.97
N LEU A 486 -12.73 13.43 24.41
CA LEU A 486 -11.34 12.94 24.45
C LEU A 486 -10.30 14.05 24.70
N PRO A 487 -9.28 13.73 25.53
CA PRO A 487 -8.06 14.57 25.65
C PRO A 487 -7.46 15.10 24.33
N GLY A 488 -7.43 16.42 24.18
CA GLY A 488 -6.84 17.03 22.98
C GLY A 488 -7.71 17.12 21.74
N VAL A 489 -8.94 16.57 21.81
CA VAL A 489 -9.87 16.55 20.65
C VAL A 489 -11.02 17.55 20.90
N ASP A 490 -11.37 18.36 19.90
CA ASP A 490 -12.64 19.15 19.91
C ASP A 490 -13.80 18.19 20.07
N THR A 491 -14.65 18.46 21.07
CA THR A 491 -15.70 17.53 21.47
C THR A 491 -16.82 17.45 20.46
N LYS A 492 -17.08 18.59 19.80
CA LYS A 492 -18.14 18.71 18.78
C LYS A 492 -18.07 17.69 17.63
N ILE A 493 -16.85 17.39 17.17
CA ILE A 493 -16.64 16.51 16.02
C ILE A 493 -16.89 15.01 16.33
N LEU A 494 -16.84 14.64 17.62
CA LEU A 494 -16.83 13.22 18.07
C LEU A 494 -18.09 12.46 17.73
N ASP A 495 -19.23 13.14 17.90
CA ASP A 495 -20.52 12.69 17.38
C ASP A 495 -20.73 13.31 15.99
N PRO A 496 -20.76 12.48 14.95
CA PRO A 496 -20.81 12.97 13.61
C PRO A 496 -22.13 13.70 13.26
N ARG A 497 -23.16 13.55 14.10
CA ARG A 497 -24.44 14.24 13.95
C ARG A 497 -24.38 15.75 14.16
N ASN A 498 -23.40 16.21 14.94
CA ASN A 498 -23.23 17.63 15.35
C ASN A 498 -22.76 18.54 14.22
N THR A 499 -22.23 17.92 13.18
CA THR A 499 -21.59 18.63 12.10
C THR A 499 -22.63 18.97 10.98
N TYR A 500 -23.91 18.54 11.17
CA TYR A 500 -25.06 18.84 10.27
C TYR A 500 -26.06 19.77 10.97
N ALA A 501 -27.00 20.33 10.20
CA ALA A 501 -28.01 21.26 10.71
C ALA A 501 -28.85 20.62 11.81
N SER A 502 -29.10 19.32 11.64
CA SER A 502 -29.88 18.49 12.59
C SER A 502 -29.44 17.02 12.45
N PRO A 503 -29.62 16.21 13.51
CA PRO A 503 -29.29 14.79 13.36
C PRO A 503 -30.03 14.10 12.24
N GLU A 504 -31.18 14.64 11.83
CA GLU A 504 -31.98 14.05 10.72
C GLU A 504 -31.31 14.14 9.35
N GLN A 505 -30.46 15.13 9.17
CA GLN A 505 -29.64 15.30 7.93
C GLN A 505 -28.49 14.31 7.91
N TRP A 506 -27.91 14.05 9.07
CA TRP A 506 -26.94 12.97 9.15
C TRP A 506 -27.64 11.60 8.85
N GLN A 507 -28.83 11.41 9.39
CA GLN A 507 -29.55 10.14 9.25
C GLN A 507 -29.84 9.81 7.81
N GLU A 508 -30.20 10.82 7.05
CA GLU A 508 -30.51 10.66 5.63
C GLU A 508 -29.26 10.03 4.96
N LYS A 509 -28.08 10.56 5.28
CA LYS A 509 -26.80 10.05 4.72
C LYS A 509 -26.41 8.67 5.28
N ALA A 510 -26.58 8.51 6.59
CA ALA A 510 -26.32 7.24 7.29
C ALA A 510 -27.07 6.11 6.62
N GLU A 511 -28.33 6.37 6.29
CA GLU A 511 -29.18 5.38 5.65
C GLU A 511 -28.71 4.93 4.26
N THR A 512 -28.36 5.91 3.41
CA THR A 512 -27.77 5.63 2.09
C THR A 512 -26.48 4.80 2.23
N LEU A 513 -25.62 5.17 3.18
CA LEU A 513 -24.34 4.49 3.40
C LEU A 513 -24.53 3.08 3.88
N ALA A 514 -25.48 2.88 4.80
CA ALA A 514 -25.76 1.58 5.39
C ALA A 514 -26.21 0.61 4.32
N LYS A 515 -27.11 1.06 3.43
CA LYS A 515 -27.58 0.20 2.33
C LYS A 515 -26.42 -0.26 1.41
N LEU A 516 -25.51 0.64 1.10
CA LEU A 516 -24.22 0.28 0.42
C LEU A 516 -23.43 -0.83 1.12
N PHE A 517 -23.17 -0.66 2.41
CA PHE A 517 -22.52 -1.70 3.25
C PHE A 517 -23.29 -3.03 3.22
N ILE A 518 -24.61 -2.93 3.49
CA ILE A 518 -25.55 -4.09 3.44
C ILE A 518 -25.39 -4.89 2.14
N ASP A 519 -25.52 -4.19 1.01
CA ASP A 519 -25.47 -4.79 -0.31
C ASP A 519 -24.06 -5.34 -0.59
N ASN A 520 -23.01 -4.61 -0.18
CA ASN A 520 -21.66 -5.13 -0.29
C ASN A 520 -21.36 -6.39 0.52
N PHE A 521 -21.91 -6.47 1.74
CA PHE A 521 -21.54 -7.57 2.58
C PHE A 521 -22.22 -8.88 2.16
N ASP A 522 -23.27 -8.79 1.35
CA ASP A 522 -24.07 -9.96 1.04
C ASP A 522 -23.28 -11.18 0.55
N LYS A 523 -22.22 -10.89 -0.21
CA LYS A 523 -21.39 -11.91 -0.77
C LYS A 523 -20.66 -12.71 0.29
N TYR A 524 -20.52 -12.17 1.49
CA TYR A 524 -19.87 -12.92 2.56
C TYR A 524 -20.88 -13.82 3.34
N THR A 525 -22.17 -13.65 3.09
CA THR A 525 -23.21 -14.30 3.92
C THR A 525 -23.49 -15.78 3.52
N ASP A 526 -22.63 -16.35 2.64
CA ASP A 526 -22.76 -17.73 2.13
C ASP A 526 -22.13 -18.74 3.05
N THR A 527 -21.57 -18.27 4.15
CA THR A 527 -21.15 -19.19 5.21
C THR A 527 -21.88 -18.87 6.52
N PRO A 528 -22.05 -19.90 7.39
CA PRO A 528 -22.21 -19.53 8.80
C PRO A 528 -21.12 -18.57 9.26
N ALA A 529 -21.07 -17.92 10.31
CA ALA A 529 -19.95 -17.00 10.61
C ALA A 529 -20.22 -15.68 9.90
N GLY A 530 -20.17 -15.71 8.56
CA GLY A 530 -20.49 -14.60 7.72
C GLY A 530 -21.94 -14.14 7.81
N ALA A 531 -22.87 -15.09 7.82
CA ALA A 531 -24.28 -14.80 8.08
C ALA A 531 -24.45 -14.20 9.45
N ALA A 532 -23.72 -14.74 10.40
CA ALA A 532 -23.70 -14.21 11.77
C ALA A 532 -23.12 -12.77 11.92
N LEU A 533 -22.18 -12.39 11.03
CA LEU A 533 -21.55 -11.06 11.04
C LEU A 533 -22.48 -9.97 10.58
N VAL A 534 -23.52 -10.30 9.83
CA VAL A 534 -24.48 -9.30 9.36
C VAL A 534 -25.07 -8.42 10.51
N ALA A 535 -25.30 -9.06 11.66
CA ALA A 535 -25.78 -8.41 12.89
C ALA A 535 -24.76 -7.42 13.47
N ALA A 536 -23.48 -7.62 13.15
CA ALA A 536 -22.40 -6.65 13.48
C ALA A 536 -22.40 -5.46 12.49
N GLY A 537 -23.05 -5.65 11.34
CA GLY A 537 -23.15 -4.58 10.34
C GLY A 537 -24.14 -3.46 10.66
N PRO A 538 -24.14 -2.36 9.82
CA PRO A 538 -25.16 -1.31 9.99
C PRO A 538 -26.52 -1.91 9.73
N LYS A 539 -27.51 -1.52 10.53
CA LYS A 539 -28.86 -2.04 10.38
C LYS A 539 -29.81 -0.89 10.07
N LEU A 540 -30.56 -1.03 9.01
CA LEU A 540 -31.67 -0.14 8.81
C LEU A 540 -32.79 -0.55 9.80
MG MG B . 1.08 5.22 2.14
MN MN C . -0.52 1.10 -0.02
O1 OAA D . -9.28 3.07 -4.14
O2 OAA D . -9.09 4.22 -2.24
O4 OAA D . -5.03 0.64 -1.69
O5 OAA D . -6.15 -1.01 -2.66
O3 OAA D . -8.08 0.52 -3.72
C1 OAA D . -8.62 3.29 -3.03
C2 OAA D . -7.32 2.58 -2.63
C3 OAA D . -7.19 1.11 -2.95
C4 OAA D . -6.05 0.26 -2.38
PG ATP E . -1.30 4.41 0.21
O1G ATP E . -1.80 3.08 0.69
O2G ATP E . -1.67 4.80 -1.22
O3G ATP E . 0.16 4.49 0.51
PB ATP E . -1.94 5.90 2.72
O1B ATP E . -3.07 5.27 3.48
O2B ATP E . -0.53 5.85 3.25
O3B ATP E . -2.05 5.57 1.14
PA ATP E . -1.33 8.73 3.05
O1A ATP E . -1.24 8.86 4.53
O2A ATP E . -0.11 8.88 2.20
O3A ATP E . -2.31 7.47 2.74
O5' ATP E . -2.36 9.88 2.52
C5' ATP E . -3.17 10.68 3.36
C4' ATP E . -3.39 11.97 2.57
O4' ATP E . -4.48 12.73 3.13
C3' ATP E . -2.22 12.93 2.64
O3' ATP E . -2.22 13.69 1.40
C2' ATP E . -2.54 13.81 3.85
O2' ATP E . -1.74 15.02 3.92
C1' ATP E . -4.05 14.00 3.66
N9 ATP E . -4.91 14.19 4.86
C8 ATP E . -5.79 15.21 5.01
N7 ATP E . -6.47 15.10 6.17
C5 ATP E . -6.03 14.00 6.82
C6 ATP E . -6.31 13.34 8.12
N6 ATP E . -7.24 13.84 8.95
N1 ATP E . -5.65 12.20 8.42
C2 ATP E . -4.72 11.71 7.59
N3 ATP E . -4.39 12.25 6.42
C4 ATP E . -5.00 13.39 5.95
C CO2 F . 1.01 2.13 -4.78
C CO2 F . 1.24 2.53 -5.68
O1 CO2 F . 1.14 2.81 -3.74
O1 CO2 F . 2.03 1.62 -5.35
O2 CO2 F . 0.75 1.67 -5.90
O2 CO2 F . 0.30 3.33 -5.97
#